data_5IZ2
#
_entry.id   5IZ2
#
_cell.length_a   67.480
_cell.length_b   67.480
_cell.length_c   90.350
_cell.angle_alpha   90.00
_cell.angle_beta   90.00
_cell.angle_gamma   120.00
#
_symmetry.space_group_name_H-M   'P 31 2 1'
#
loop_
_entity.id
_entity.type
_entity.pdbx_description
1 polymer 'Major ampullate spidroin 1A'
2 polymer 'Major ampullate spidroin 1A (Partial C-terminus)'
3 water water
#
loop_
_entity_poly.entity_id
_entity_poly.type
_entity_poly.pdbx_seq_one_letter_code
_entity_poly.pdbx_strand_id
1 'polypeptide(L)'
;GPLGSPGIPGQNTPWSSTELADAFINAFMNEAGRTGAFTADQLDDMSTIGDTIKTAMDKMARSNKSSKGKLQALNMAFAS
SMAEIAAVEQGGLSVDAKTNAIADSLNSAFYQTTGAANPQFVNEIRSLINMFAQSSANEVSYGG
;
B,A
2 'polypeptide(L)' SYG Z
#
# COMPACT_ATOMS: atom_id res chain seq x y z
N GLN A 11 -10.97 -17.37 -9.49
CA GLN A 11 -11.71 -17.38 -10.75
C GLN A 11 -11.92 -15.98 -11.30
N ASN A 12 -12.97 -15.32 -10.86
CA ASN A 12 -13.37 -14.03 -11.42
C ASN A 12 -12.95 -12.87 -10.51
N THR A 13 -11.65 -12.56 -10.55
CA THR A 13 -11.07 -11.49 -9.75
C THR A 13 -10.33 -10.48 -10.63
N PRO A 14 -10.07 -9.27 -10.11
CA PRO A 14 -9.30 -8.29 -10.89
C PRO A 14 -7.85 -8.70 -11.06
N TRP A 15 -7.38 -9.65 -10.26
CA TRP A 15 -5.97 -10.04 -10.29
C TRP A 15 -5.69 -11.35 -11.02
N SER A 16 -6.57 -11.72 -11.95
CA SER A 16 -6.35 -12.89 -12.80
C SER A 16 -5.24 -12.63 -13.82
N SER A 17 -4.96 -11.36 -14.08
CA SER A 17 -3.92 -10.98 -15.02
C SER A 17 -3.44 -9.55 -14.79
N THR A 18 -2.29 -9.22 -15.34
CA THR A 18 -1.70 -7.90 -15.21
C THR A 18 -2.60 -6.85 -15.87
N GLU A 19 -3.19 -7.21 -17.01
CA GLU A 19 -4.07 -6.26 -17.71
C GLU A 19 -5.30 -5.91 -16.87
N LEU A 20 -5.91 -6.90 -16.23
CA LEU A 20 -7.09 -6.66 -15.40
C LEU A 20 -6.73 -5.94 -14.12
N ALA A 21 -5.55 -6.27 -13.57
CA ALA A 21 -5.05 -5.60 -12.38
C ALA A 21 -4.79 -4.11 -12.65
N ASP A 22 -4.18 -3.81 -13.81
CA ASP A 22 -4.02 -2.42 -14.26
C ASP A 22 -5.38 -1.74 -14.42
N ALA A 23 -6.30 -2.47 -15.03
CA ALA A 23 -7.64 -1.97 -15.29
C ALA A 23 -8.34 -1.58 -13.99
N PHE A 24 -8.13 -2.40 -12.96
CA PHE A 24 -8.72 -2.11 -11.65
C PHE A 24 -8.19 -0.79 -11.09
N ILE A 25 -6.87 -0.63 -11.10
CA ILE A 25 -6.27 0.58 -10.56
C ILE A 25 -6.69 1.81 -11.39
N ASN A 26 -6.68 1.68 -12.71
CA ASN A 26 -7.07 2.80 -13.56
C ASN A 26 -8.56 3.16 -13.41
N ALA A 27 -9.42 2.14 -13.27
CA ALA A 27 -10.85 2.39 -13.05
C ALA A 27 -11.06 3.10 -11.72
N PHE A 28 -10.36 2.65 -10.68
CA PHE A 28 -10.46 3.30 -9.38
C PHE A 28 -10.06 4.78 -9.47
N MET A 29 -8.94 5.05 -10.12
CA MET A 29 -8.41 6.41 -10.20
C MET A 29 -9.41 7.34 -10.88
N ASN A 30 -10.01 6.86 -11.96
CA ASN A 30 -10.99 7.62 -12.70
C ASN A 30 -12.20 7.93 -11.85
N GLU A 31 -12.69 6.93 -11.12
CA GLU A 31 -13.89 7.11 -10.31
C GLU A 31 -13.61 8.00 -9.09
N ALA A 32 -12.44 7.84 -8.46
CA ALA A 32 -12.07 8.68 -7.32
C ALA A 32 -12.14 10.17 -7.68
N GLY A 33 -11.62 10.50 -8.84
CA GLY A 33 -11.62 11.86 -9.33
C GLY A 33 -13.04 12.35 -9.54
N ARG A 34 -13.92 11.49 -10.04
CA ARG A 34 -15.28 11.91 -10.35
C ARG A 34 -16.13 12.12 -9.10
N THR A 35 -15.74 11.52 -7.96
CA THR A 35 -16.51 11.69 -6.73
C THR A 35 -16.48 13.12 -6.21
N GLY A 36 -15.40 13.84 -6.48
CA GLY A 36 -15.26 15.20 -6.01
C GLY A 36 -14.98 15.28 -4.52
N ALA A 37 -14.69 14.14 -3.90
CA ALA A 37 -14.47 14.10 -2.46
C ALA A 37 -13.02 14.41 -2.09
N PHE A 38 -12.14 14.42 -3.08
CA PHE A 38 -10.71 14.59 -2.83
C PHE A 38 -10.12 15.84 -3.48
N THR A 39 -9.13 16.42 -2.82
CA THR A 39 -8.41 17.56 -3.37
C THR A 39 -7.54 17.11 -4.54
N ALA A 40 -7.10 18.07 -5.35
CA ALA A 40 -6.22 17.77 -6.47
C ALA A 40 -4.93 17.11 -5.97
N ASP A 41 -4.40 17.57 -4.84
CA ASP A 41 -3.16 17.00 -4.31
C ASP A 41 -3.35 15.57 -3.82
N GLN A 42 -4.50 15.31 -3.21
CA GLN A 42 -4.83 13.96 -2.77
C GLN A 42 -4.95 13.00 -3.96
N LEU A 43 -5.57 13.48 -5.03
CA LEU A 43 -5.72 12.68 -6.24
C LEU A 43 -4.38 12.42 -6.90
N ASP A 44 -3.48 13.40 -6.86
CA ASP A 44 -2.14 13.25 -7.39
C ASP A 44 -1.39 12.17 -6.63
N ASP A 45 -1.54 12.18 -5.30
CA ASP A 45 -0.91 11.18 -4.44
C ASP A 45 -1.44 9.77 -4.74
N MET A 46 -2.75 9.63 -4.92
CA MET A 46 -3.32 8.34 -5.30
C MET A 46 -2.75 7.85 -6.62
N SER A 47 -2.66 8.76 -7.58
CA SER A 47 -2.16 8.43 -8.91
C SER A 47 -0.71 7.94 -8.83
N THR A 48 0.08 8.58 -7.96
CA THR A 48 1.48 8.19 -7.77
C THR A 48 1.56 6.77 -7.21
N ILE A 49 0.74 6.45 -6.21
CA ILE A 49 0.70 5.09 -5.67
C ILE A 49 0.28 4.07 -6.74
N GLY A 50 -0.76 4.41 -7.48
CA GLY A 50 -1.26 3.54 -8.54
C GLY A 50 -0.21 3.24 -9.59
N ASP A 51 0.49 4.28 -10.04
CA ASP A 51 1.54 4.11 -11.04
C ASP A 51 2.69 3.23 -10.53
N THR A 52 3.07 3.44 -9.28
CA THR A 52 4.16 2.67 -8.68
C THR A 52 3.77 1.19 -8.52
N ILE A 53 2.53 0.93 -8.11
CA ILE A 53 2.05 -0.44 -7.95
C ILE A 53 2.00 -1.15 -9.29
N LYS A 54 1.49 -0.46 -10.32
CA LYS A 54 1.43 -1.03 -11.65
C LYS A 54 2.84 -1.40 -12.14
N THR A 55 3.81 -0.55 -11.83
CA THR A 55 5.19 -0.82 -12.21
C THR A 55 5.71 -2.10 -11.55
N ALA A 56 5.43 -2.26 -10.26
CA ALA A 56 5.80 -3.46 -9.52
C ALA A 56 5.14 -4.72 -10.10
N MET A 57 3.84 -4.63 -10.40
CA MET A 57 3.11 -5.74 -10.98
C MET A 57 3.74 -6.17 -12.31
N ASP A 58 4.14 -5.18 -13.10
CA ASP A 58 4.75 -5.44 -14.39
C ASP A 58 6.06 -6.21 -14.25
N LYS A 59 6.88 -5.83 -13.28
CA LYS A 59 8.16 -6.49 -13.05
C LYS A 59 7.99 -7.94 -12.63
N MET A 60 7.06 -8.19 -11.71
CA MET A 60 6.81 -9.53 -11.22
C MET A 60 6.27 -10.44 -12.32
N ALA A 61 5.46 -9.87 -13.21
CA ALA A 61 4.93 -10.61 -14.36
C ALA A 61 6.06 -11.15 -15.24
N ARG A 62 7.11 -10.35 -15.37
CA ARG A 62 8.23 -10.67 -16.28
C ARG A 62 9.21 -11.69 -15.72
N SER A 63 9.13 -11.98 -14.42
CA SER A 63 10.04 -12.94 -13.81
C SER A 63 9.49 -14.36 -13.93
N ASN A 64 8.26 -14.45 -14.40
CA ASN A 64 7.56 -15.71 -14.64
C ASN A 64 7.49 -16.56 -13.37
N LYS A 65 7.38 -15.88 -12.23
CA LYS A 65 7.12 -16.52 -10.96
C LYS A 65 5.98 -15.76 -10.31
N SER A 66 5.23 -15.06 -11.15
CA SER A 66 4.13 -14.25 -10.68
C SER A 66 2.91 -15.13 -10.47
N SER A 67 1.88 -14.59 -9.85
CA SER A 67 0.68 -15.35 -9.58
C SER A 67 -0.50 -14.44 -9.28
N LYS A 68 -1.69 -15.03 -9.28
CA LYS A 68 -2.90 -14.32 -8.91
C LYS A 68 -2.73 -13.77 -7.50
N GLY A 69 -2.14 -14.58 -6.62
CA GLY A 69 -1.92 -14.22 -5.23
C GLY A 69 -1.03 -13.01 -5.03
N LYS A 70 0.05 -12.94 -5.79
CA LYS A 70 0.99 -11.82 -5.71
C LYS A 70 0.39 -10.52 -6.24
N LEU A 71 -0.40 -10.63 -7.29
CA LEU A 71 -1.13 -9.48 -7.82
C LEU A 71 -2.19 -9.07 -6.80
N GLN A 72 -2.78 -10.06 -6.15
CA GLN A 72 -3.78 -9.81 -5.12
C GLN A 72 -3.18 -9.05 -3.95
N ALA A 73 -1.96 -9.42 -3.57
CA ALA A 73 -1.27 -8.76 -2.49
C ALA A 73 -0.93 -7.32 -2.84
N LEU A 74 -0.48 -7.09 -4.07
CA LEU A 74 -0.13 -5.73 -4.49
C LEU A 74 -1.40 -4.88 -4.59
N ASN A 75 -2.49 -5.51 -4.99
CA ASN A 75 -3.79 -4.85 -5.05
C ASN A 75 -4.29 -4.45 -3.65
N MET A 76 -4.05 -5.30 -2.67
CA MET A 76 -4.39 -4.97 -1.29
C MET A 76 -3.52 -3.83 -0.78
N ALA A 77 -2.24 -3.86 -1.16
CA ALA A 77 -1.34 -2.76 -0.83
C ALA A 77 -1.81 -1.45 -1.44
N PHE A 78 -2.27 -1.52 -2.69
CA PHE A 78 -2.82 -0.33 -3.34
C PHE A 78 -3.99 0.22 -2.55
N ALA A 79 -4.94 -0.64 -2.22
CA ALA A 79 -6.15 -0.20 -1.51
C ALA A 79 -5.83 0.30 -0.11
N SER A 80 -4.86 -0.33 0.55
CA SER A 80 -4.42 0.09 1.88
C SER A 80 -3.83 1.51 1.86
N SER A 81 -3.05 1.82 0.83
CA SER A 81 -2.53 3.15 0.61
C SER A 81 -3.65 4.17 0.38
N MET A 82 -4.64 3.79 -0.45
CA MET A 82 -5.79 4.67 -0.71
C MET A 82 -6.47 4.99 0.62
N ALA A 83 -6.59 3.98 1.47
CA ALA A 83 -7.21 4.11 2.78
C ALA A 83 -6.44 5.12 3.62
N GLU A 84 -5.11 5.04 3.54
CA GLU A 84 -4.25 5.90 4.34
C GLU A 84 -4.33 7.35 3.85
N ILE A 85 -4.35 7.55 2.53
CA ILE A 85 -4.52 8.88 1.97
C ILE A 85 -5.85 9.52 2.42
N ALA A 86 -6.92 8.73 2.38
CA ALA A 86 -8.24 9.19 2.78
C ALA A 86 -8.33 9.53 4.28
N ALA A 87 -7.65 8.75 5.10
CA ALA A 87 -7.72 8.93 6.54
C ALA A 87 -6.75 9.96 7.08
N VAL A 88 -5.60 10.12 6.42
CA VAL A 88 -4.54 10.95 6.98
C VAL A 88 -4.46 12.36 6.38
N GLU A 89 -4.51 12.45 5.05
CA GLU A 89 -4.33 13.73 4.39
C GLU A 89 -5.54 14.64 4.59
N GLN A 90 -5.26 15.89 4.95
CA GLN A 90 -6.31 16.87 5.22
C GLN A 90 -6.70 17.63 3.97
N GLY A 91 -7.91 18.18 3.97
CA GLY A 91 -8.41 18.90 2.81
C GLY A 91 -9.54 18.15 2.16
N GLY A 92 -10.46 18.89 1.56
CA GLY A 92 -11.62 18.29 0.93
C GLY A 92 -12.70 17.97 1.96
N LEU A 93 -13.47 16.93 1.66
CA LEU A 93 -14.62 16.56 2.48
C LEU A 93 -14.24 15.81 3.77
N SER A 94 -15.25 15.47 4.55
CA SER A 94 -15.07 14.74 5.81
C SER A 94 -14.61 13.31 5.57
N VAL A 95 -14.03 12.70 6.61
CA VAL A 95 -13.55 11.33 6.53
C VAL A 95 -14.70 10.38 6.17
N ASP A 96 -15.90 10.66 6.67
CA ASP A 96 -17.04 9.80 6.36
C ASP A 96 -17.41 9.88 4.88
N ALA A 97 -17.36 11.08 4.32
CA ALA A 97 -17.64 11.28 2.90
C ALA A 97 -16.53 10.64 2.04
N LYS A 98 -15.29 10.81 2.47
CA LYS A 98 -14.14 10.21 1.79
C LYS A 98 -14.24 8.69 1.81
N THR A 99 -14.68 8.15 2.94
CA THR A 99 -14.83 6.71 3.09
C THR A 99 -15.85 6.16 2.08
N ASN A 100 -16.98 6.83 1.96
CA ASN A 100 -18.00 6.45 1.00
C ASN A 100 -17.49 6.58 -0.43
N ALA A 101 -16.67 7.60 -0.67
CA ALA A 101 -16.10 7.82 -1.99
C ALA A 101 -15.10 6.73 -2.36
N ILE A 102 -14.25 6.33 -1.41
CA ILE A 102 -13.30 5.24 -1.65
C ILE A 102 -14.02 3.92 -1.89
N ALA A 103 -15.05 3.67 -1.09
CA ALA A 103 -15.84 2.45 -1.21
C ALA A 103 -16.55 2.34 -2.56
N ASP A 104 -17.19 3.44 -2.98
CA ASP A 104 -17.85 3.48 -4.28
C ASP A 104 -16.85 3.36 -5.43
N SER A 105 -15.70 3.99 -5.28
CA SER A 105 -14.68 3.95 -6.33
C SER A 105 -14.10 2.55 -6.46
N LEU A 106 -13.90 1.86 -5.34
CA LEU A 106 -13.46 0.47 -5.36
C LEU A 106 -14.51 -0.44 -6.01
N ASN A 107 -15.78 -0.24 -5.65
CA ASN A 107 -16.86 -1.05 -6.23
C ASN A 107 -16.95 -0.85 -7.74
N SER A 108 -16.82 0.39 -8.20
CA SER A 108 -16.79 0.68 -9.62
C SER A 108 -15.65 -0.07 -10.30
N ALA A 109 -14.47 -0.08 -9.68
CA ALA A 109 -13.33 -0.81 -10.20
C ALA A 109 -13.63 -2.32 -10.27
N PHE A 110 -14.27 -2.85 -9.24
CA PHE A 110 -14.64 -4.27 -9.25
C PHE A 110 -15.65 -4.58 -10.36
N TYR A 111 -16.65 -3.71 -10.52
CA TYR A 111 -17.64 -3.91 -11.57
C TYR A 111 -17.01 -3.86 -12.96
N GLN A 112 -16.12 -2.92 -13.20
CA GLN A 112 -15.52 -2.76 -14.52
C GLN A 112 -14.53 -3.88 -14.89
N THR A 113 -14.01 -4.59 -13.90
CA THR A 113 -13.03 -5.65 -14.17
C THR A 113 -13.60 -7.06 -13.99
N THR A 114 -14.63 -7.22 -13.16
CA THR A 114 -15.20 -8.54 -12.89
C THR A 114 -16.70 -8.66 -13.21
N GLY A 115 -17.38 -7.54 -13.41
CA GLY A 115 -18.80 -7.58 -13.68
C GLY A 115 -19.61 -7.69 -12.39
N ALA A 116 -18.93 -7.72 -11.25
CA ALA A 116 -19.60 -7.84 -9.96
C ALA A 116 -18.90 -7.00 -8.88
N ALA A 117 -19.62 -6.76 -7.79
CA ALA A 117 -19.04 -6.08 -6.64
C ALA A 117 -18.20 -7.04 -5.81
N ASN A 118 -17.49 -6.48 -4.84
CA ASN A 118 -16.76 -7.27 -3.86
C ASN A 118 -16.95 -6.63 -2.48
N PRO A 119 -18.10 -6.88 -1.86
CA PRO A 119 -18.44 -6.24 -0.58
C PRO A 119 -17.48 -6.60 0.56
N GLN A 120 -16.97 -7.83 0.56
CA GLN A 120 -16.01 -8.24 1.57
C GLN A 120 -14.75 -7.38 1.53
N PHE A 121 -14.18 -7.22 0.34
CA PHE A 121 -12.98 -6.41 0.16
C PHE A 121 -13.26 -4.95 0.56
N VAL A 122 -14.36 -4.40 0.06
CA VAL A 122 -14.71 -3.01 0.31
C VAL A 122 -14.95 -2.72 1.79
N ASN A 123 -15.69 -3.60 2.46
CA ASN A 123 -15.92 -3.44 3.89
C ASN A 123 -14.62 -3.52 4.69
N GLU A 124 -13.67 -4.31 4.20
CA GLU A 124 -12.35 -4.38 4.83
C GLU A 124 -11.63 -3.03 4.70
N ILE A 125 -11.73 -2.40 3.53
CA ILE A 125 -11.13 -1.09 3.34
C ILE A 125 -11.84 -0.02 4.19
N ARG A 126 -13.15 -0.14 4.35
CA ARG A 126 -13.90 0.76 5.24
CA ARG A 126 -13.90 0.76 5.23
C ARG A 126 -13.36 0.69 6.66
N SER A 127 -13.14 -0.53 7.15
CA SER A 127 -12.62 -0.73 8.50
C SER A 127 -11.19 -0.20 8.62
N LEU A 128 -10.43 -0.36 7.54
CA LEU A 128 -9.04 0.05 7.53
C LEU A 128 -8.96 1.57 7.63
N ILE A 129 -9.84 2.26 6.92
CA ILE A 129 -9.89 3.72 6.95
C ILE A 129 -10.19 4.22 8.36
N ASN A 130 -11.17 3.59 9.00
CA ASN A 130 -11.53 3.96 10.36
C ASN A 130 -10.38 3.73 11.32
N MET A 131 -9.67 2.62 11.10
CA MET A 131 -8.53 2.25 11.91
C MET A 131 -7.40 3.28 11.79
N PHE A 132 -7.13 3.71 10.56
CA PHE A 132 -6.08 4.69 10.32
C PHE A 132 -6.51 6.04 10.87
N ALA A 133 -7.81 6.33 10.78
CA ALA A 133 -8.35 7.61 11.25
C ALA A 133 -8.24 7.77 12.77
N GLN A 134 -8.27 6.65 13.49
CA GLN A 134 -8.16 6.66 14.95
C GLN A 134 -6.84 7.26 15.41
N SER A 135 -5.76 6.90 14.70
CA SER A 135 -4.43 7.38 15.02
C SER A 135 -4.14 8.74 14.40
N SER A 136 -4.98 9.72 14.70
CA SER A 136 -4.81 11.08 14.21
C SER A 136 -5.57 12.07 15.08
N GLN B 11 13.91 14.27 8.41
CA GLN B 11 14.21 14.66 9.77
C GLN B 11 13.84 13.55 10.77
N ASN B 12 12.60 13.56 11.25
CA ASN B 12 12.20 12.64 12.31
C ASN B 12 11.31 11.46 11.90
N THR B 13 10.72 11.47 10.71
CA THR B 13 9.91 10.35 10.26
C THR B 13 10.48 9.78 8.95
N PRO B 14 10.13 8.53 8.61
CA PRO B 14 10.65 7.98 7.35
C PRO B 14 10.12 8.68 6.11
N TRP B 15 9.05 9.45 6.23
CA TRP B 15 8.52 10.12 5.04
C TRP B 15 8.84 11.62 5.07
N SER B 16 9.81 12.00 5.91
CA SER B 16 10.27 13.39 5.96
C SER B 16 11.12 13.77 4.76
N SER B 17 11.73 12.78 4.12
CA SER B 17 12.58 13.04 2.97
C SER B 17 12.76 11.76 2.17
N THR B 18 13.19 11.92 0.92
CA THR B 18 13.42 10.80 0.04
C THR B 18 14.56 9.90 0.55
N GLU B 19 15.63 10.50 1.05
CA GLU B 19 16.76 9.70 1.52
C GLU B 19 16.35 8.86 2.73
N LEU B 20 15.52 9.41 3.60
CA LEU B 20 15.05 8.67 4.78
C LEU B 20 14.08 7.56 4.39
N ALA B 21 13.24 7.82 3.39
CA ALA B 21 12.30 6.82 2.89
C ALA B 21 13.04 5.63 2.28
N ASP B 22 14.07 5.92 1.47
CA ASP B 22 14.95 4.88 0.95
C ASP B 22 15.67 4.11 2.07
N ALA B 23 16.18 4.83 3.06
CA ALA B 23 16.88 4.22 4.18
C ALA B 23 15.96 3.25 4.93
N PHE B 24 14.70 3.65 5.09
CA PHE B 24 13.70 2.81 5.76
C PHE B 24 13.51 1.49 5.02
N ILE B 25 13.33 1.58 3.71
CA ILE B 25 13.12 0.39 2.90
C ILE B 25 14.37 -0.51 2.90
N ASN B 26 15.55 0.09 2.76
CA ASN B 26 16.79 -0.70 2.79
C ASN B 26 17.04 -1.33 4.17
N ALA B 27 16.73 -0.60 5.23
CA ALA B 27 16.86 -1.14 6.57
C ALA B 27 15.89 -2.30 6.78
N PHE B 28 14.68 -2.14 6.29
CA PHE B 28 13.67 -3.19 6.44
C PHE B 28 14.12 -4.47 5.74
N MET B 29 14.55 -4.35 4.49
CA MET B 29 14.92 -5.52 3.69
C MET B 29 16.07 -6.29 4.33
N ASN B 30 17.06 -5.56 4.84
CA ASN B 30 18.19 -6.21 5.48
C ASN B 30 17.75 -6.99 6.73
N GLU B 31 16.90 -6.38 7.54
CA GLU B 31 16.45 -7.03 8.77
C GLU B 31 15.52 -8.19 8.46
N ALA B 32 14.66 -8.03 7.46
CA ALA B 32 13.78 -9.11 7.02
C ALA B 32 14.59 -10.35 6.68
N GLY B 33 15.68 -10.17 5.95
CA GLY B 33 16.53 -11.28 5.57
C GLY B 33 17.13 -11.95 6.80
N ARG B 34 17.51 -11.14 7.79
CA ARG B 34 18.21 -11.66 8.96
C ARG B 34 17.29 -12.41 9.93
N THR B 35 15.99 -12.18 9.86
CA THR B 35 15.03 -12.87 10.72
C THR B 35 14.98 -14.37 10.42
N GLY B 36 15.24 -14.72 9.17
CA GLY B 36 15.20 -16.11 8.74
C GLY B 36 13.79 -16.66 8.60
N ALA B 37 12.78 -15.79 8.72
CA ALA B 37 11.39 -16.21 8.67
C ALA B 37 10.81 -16.29 7.26
N PHE B 38 11.53 -15.77 6.27
CA PHE B 38 10.96 -15.70 4.94
C PHE B 38 11.73 -16.55 3.95
N THR B 39 10.99 -17.12 2.99
CA THR B 39 11.60 -17.91 1.94
C THR B 39 12.40 -17.02 0.99
N ALA B 40 13.28 -17.63 0.21
CA ALA B 40 14.08 -16.89 -0.77
C ALA B 40 13.19 -16.17 -1.78
N ASP B 41 12.11 -16.84 -2.20
CA ASP B 41 11.20 -16.25 -3.17
C ASP B 41 10.44 -15.08 -2.57
N GLN B 42 10.07 -15.19 -1.29
CA GLN B 42 9.41 -14.10 -0.60
C GLN B 42 10.32 -12.88 -0.49
N LEU B 43 11.59 -13.11 -0.16
CA LEU B 43 12.55 -12.02 -0.04
C LEU B 43 12.80 -11.37 -1.41
N ASP B 44 12.84 -12.18 -2.46
CA ASP B 44 13.02 -11.64 -3.81
C ASP B 44 11.88 -10.71 -4.22
N ASP B 45 10.64 -11.13 -3.97
CA ASP B 45 9.47 -10.31 -4.26
C ASP B 45 9.45 -9.02 -3.43
N MET B 46 9.78 -9.15 -2.16
CA MET B 46 9.89 -7.97 -1.30
C MET B 46 10.92 -7.00 -1.84
N SER B 47 12.06 -7.55 -2.28
CA SER B 47 13.13 -6.74 -2.83
C SER B 47 12.70 -6.02 -4.10
N THR B 48 11.96 -6.71 -4.97
CA THR B 48 11.50 -6.11 -6.21
C THR B 48 10.55 -4.95 -5.95
N ILE B 49 9.57 -5.17 -5.08
CA ILE B 49 8.63 -4.13 -4.69
C ILE B 49 9.35 -2.96 -4.01
N GLY B 50 10.27 -3.27 -3.12
CA GLY B 50 11.05 -2.23 -2.47
C GLY B 50 11.83 -1.41 -3.48
N ASP B 51 12.49 -2.10 -4.41
CA ASP B 51 13.28 -1.44 -5.46
C ASP B 51 12.41 -0.54 -6.33
N THR B 52 11.21 -1.01 -6.66
CA THR B 52 10.29 -0.23 -7.48
C THR B 52 9.88 1.06 -6.79
N ILE B 53 9.56 0.97 -5.50
CA ILE B 53 9.13 2.14 -4.75
C ILE B 53 10.27 3.15 -4.57
N LYS B 54 11.46 2.66 -4.21
CA LYS B 54 12.62 3.53 -4.06
C LYS B 54 12.93 4.28 -5.35
N THR B 55 12.89 3.56 -6.47
CA THR B 55 13.16 4.17 -7.78
C THR B 55 12.16 5.26 -8.10
N ALA B 56 10.88 4.99 -7.83
CA ALA B 56 9.84 5.98 -8.05
C ALA B 56 10.11 7.21 -7.21
N MET B 57 10.43 7.01 -5.94
CA MET B 57 10.75 8.14 -5.06
C MET B 57 11.97 8.93 -5.51
N ASP B 58 13.02 8.23 -5.93
CA ASP B 58 14.25 8.88 -6.35
C ASP B 58 14.00 9.77 -7.57
N LYS B 59 13.23 9.24 -8.52
CA LYS B 59 12.87 10.00 -9.72
C LYS B 59 12.00 11.21 -9.35
N MET B 60 11.05 11.01 -8.45
CA MET B 60 10.14 12.09 -8.04
C MET B 60 10.86 13.26 -7.40
N ALA B 61 11.86 12.95 -6.58
CA ALA B 61 12.68 13.97 -5.94
C ALA B 61 13.39 14.85 -6.96
N ARG B 62 13.91 14.23 -8.02
CA ARG B 62 14.69 14.95 -9.00
C ARG B 62 13.83 15.67 -10.04
N SER B 63 12.60 15.22 -10.21
CA SER B 63 11.70 15.86 -11.16
C SER B 63 10.81 16.87 -10.44
N ASN B 64 11.05 17.07 -9.15
CA ASN B 64 10.28 18.01 -8.33
C ASN B 64 8.78 17.66 -8.30
N LYS B 65 8.47 16.38 -8.13
CA LYS B 65 7.08 15.94 -8.04
C LYS B 65 6.84 15.17 -6.74
N SER B 66 7.72 15.33 -5.78
CA SER B 66 7.57 14.64 -4.50
C SER B 66 6.74 15.46 -3.51
N SER B 67 6.32 14.82 -2.42
CA SER B 67 5.62 15.50 -1.32
C SER B 67 5.58 14.58 -0.12
N LYS B 68 5.27 15.14 1.05
CA LYS B 68 5.11 14.32 2.25
C LYS B 68 4.02 13.28 2.05
N GLY B 69 2.93 13.71 1.42
CA GLY B 69 1.76 12.87 1.25
C GLY B 69 2.10 11.63 0.44
N LYS B 70 2.86 11.82 -0.62
CA LYS B 70 3.26 10.71 -1.47
C LYS B 70 4.24 9.78 -0.78
N LEU B 71 5.18 10.33 0.00
CA LEU B 71 6.12 9.49 0.73
C LEU B 71 5.45 8.67 1.83
N GLN B 72 4.51 9.27 2.55
CA GLN B 72 3.81 8.54 3.60
C GLN B 72 2.92 7.45 3.00
N ALA B 73 2.25 7.77 1.90
CA ALA B 73 1.41 6.79 1.23
C ALA B 73 2.25 5.66 0.62
N LEU B 74 3.39 6.00 0.05
CA LEU B 74 4.29 5.00 -0.53
C LEU B 74 4.87 4.12 0.57
N ASN B 75 5.12 4.72 1.73
CA ASN B 75 5.57 3.94 2.89
C ASN B 75 4.53 2.92 3.34
N MET B 76 3.25 3.32 3.32
CA MET B 76 2.18 2.39 3.66
C MET B 76 2.02 1.30 2.58
N ALA B 77 2.21 1.67 1.32
CA ALA B 77 2.17 0.69 0.23
C ALA B 77 3.26 -0.35 0.44
N PHE B 78 4.43 0.12 0.81
CA PHE B 78 5.55 -0.77 1.09
C PHE B 78 5.25 -1.69 2.27
N ALA B 79 4.86 -1.11 3.41
CA ALA B 79 4.63 -1.91 4.62
C ALA B 79 3.49 -2.90 4.45
N SER B 80 2.40 -2.47 3.82
CA SER B 80 1.28 -3.37 3.54
C SER B 80 1.68 -4.44 2.52
N SER B 81 2.47 -4.07 1.51
CA SER B 81 2.99 -5.06 0.56
C SER B 81 3.86 -6.11 1.23
N MET B 82 4.80 -5.68 2.07
CA MET B 82 5.69 -6.61 2.75
C MET B 82 4.88 -7.60 3.55
N ALA B 83 3.87 -7.11 4.26
CA ALA B 83 3.03 -7.96 5.07
C ALA B 83 2.21 -8.96 4.23
N GLU B 84 1.57 -8.45 3.18
CA GLU B 84 0.72 -9.29 2.34
C GLU B 84 1.51 -10.25 1.45
N ILE B 85 2.64 -9.80 0.92
CA ILE B 85 3.55 -10.68 0.18
C ILE B 85 3.95 -11.85 1.07
N ALA B 86 4.22 -11.56 2.34
CA ALA B 86 4.58 -12.60 3.28
C ALA B 86 3.41 -13.56 3.49
N ALA B 87 2.20 -13.00 3.52
CA ALA B 87 1.00 -13.79 3.74
C ALA B 87 0.45 -14.34 2.41
N GLY B 92 3.30 -22.68 4.10
CA GLY B 92 4.55 -22.16 4.59
C GLY B 92 4.63 -22.15 6.10
N LEU B 93 5.37 -21.20 6.65
CA LEU B 93 5.58 -21.12 8.09
C LEU B 93 4.32 -20.55 8.75
N SER B 94 4.31 -20.47 10.08
CA SER B 94 3.12 -19.95 10.74
C SER B 94 2.98 -18.45 10.50
N VAL B 95 1.73 -17.99 10.52
CA VAL B 95 1.42 -16.58 10.31
C VAL B 95 1.97 -15.68 11.40
N ASP B 96 1.90 -16.16 12.64
CA ASP B 96 2.34 -15.36 13.77
C ASP B 96 3.86 -15.17 13.74
N ALA B 97 4.57 -16.20 13.31
CA ALA B 97 6.01 -16.09 13.19
C ALA B 97 6.38 -15.09 12.10
N LYS B 98 5.69 -15.17 10.96
CA LYS B 98 5.92 -14.22 9.87
C LYS B 98 5.55 -12.80 10.27
N THR B 99 4.43 -12.65 10.98
CA THR B 99 3.96 -11.34 11.43
C THR B 99 4.96 -10.71 12.39
N ASN B 100 5.47 -11.51 13.33
CA ASN B 100 6.48 -11.02 14.26
C ASN B 100 7.76 -10.61 13.53
N ALA B 101 8.09 -11.32 12.47
CA ALA B 101 9.26 -10.98 11.65
C ALA B 101 9.03 -9.65 10.94
N ILE B 102 7.82 -9.46 10.42
CA ILE B 102 7.46 -8.20 9.77
C ILE B 102 7.56 -7.05 10.77
N ALA B 103 7.09 -7.31 11.99
CA ALA B 103 7.15 -6.34 13.08
C ALA B 103 8.57 -5.98 13.51
N ASP B 104 9.43 -6.99 13.66
CA ASP B 104 10.83 -6.75 14.02
C ASP B 104 11.56 -5.94 12.95
N SER B 105 11.23 -6.23 11.70
CA SER B 105 11.85 -5.54 10.58
C SER B 105 11.40 -4.09 10.51
N LEU B 106 10.13 -3.85 10.81
CA LEU B 106 9.61 -2.49 10.88
C LEU B 106 10.27 -1.69 12.02
N ASN B 107 10.39 -2.31 13.18
CA ASN B 107 11.01 -1.65 14.33
C ASN B 107 12.46 -1.27 14.07
N SER B 108 13.21 -2.21 13.50
CA SER B 108 14.59 -1.95 13.13
C SER B 108 14.68 -0.80 12.13
N ALA B 109 13.79 -0.79 11.14
CA ALA B 109 13.77 0.27 10.13
C ALA B 109 13.45 1.64 10.74
N PHE B 110 12.48 1.68 11.66
CA PHE B 110 12.17 2.93 12.35
C PHE B 110 13.33 3.40 13.20
N TYR B 111 13.97 2.47 13.91
CA TYR B 111 15.10 2.85 14.75
C TYR B 111 16.25 3.44 13.95
N GLN B 112 16.61 2.79 12.85
CA GLN B 112 17.75 3.22 12.04
C GLN B 112 17.49 4.51 11.26
N THR B 113 16.23 4.89 11.07
CA THR B 113 15.92 6.12 10.32
C THR B 113 15.42 7.27 11.20
N THR B 114 14.83 6.95 12.35
CA THR B 114 14.24 8.00 13.20
C THR B 114 14.86 8.05 14.60
N GLY B 115 15.65 7.03 14.93
CA GLY B 115 16.29 6.94 16.24
C GLY B 115 15.43 6.28 17.30
N ALA B 116 14.23 5.88 16.93
CA ALA B 116 13.35 5.19 17.86
C ALA B 116 12.47 4.16 17.14
N ALA B 117 11.92 3.21 17.87
CA ALA B 117 10.95 2.29 17.31
C ALA B 117 9.62 3.02 17.18
N ASN B 118 8.66 2.40 16.49
CA ASN B 118 7.33 2.96 16.36
C ASN B 118 6.29 1.89 16.57
N PRO B 119 6.00 1.59 17.86
CA PRO B 119 5.06 0.53 18.23
C PRO B 119 3.64 0.81 17.72
N GLN B 120 3.26 2.08 17.66
CA GLN B 120 1.96 2.49 17.15
C GLN B 120 1.78 2.05 15.69
N PHE B 121 2.78 2.36 14.87
CA PHE B 121 2.75 1.99 13.45
C PHE B 121 2.67 0.47 13.29
N VAL B 122 3.50 -0.23 14.05
CA VAL B 122 3.57 -1.69 13.96
C VAL B 122 2.23 -2.32 14.33
N ASN B 123 1.59 -1.80 15.38
CA ASN B 123 0.28 -2.29 15.77
C ASN B 123 -0.77 -2.10 14.69
N GLU B 124 -0.65 -1.03 13.91
CA GLU B 124 -1.54 -0.84 12.76
C GLU B 124 -1.32 -1.90 11.70
N ILE B 125 -0.05 -2.23 11.45
CA ILE B 125 0.30 -3.24 10.46
C ILE B 125 -0.22 -4.62 10.90
N ARG B 126 -0.11 -4.89 12.20
CA ARG B 126 -0.66 -6.12 12.77
C ARG B 126 -2.17 -6.18 12.53
N SER B 127 -2.84 -5.06 12.78
CA SER B 127 -4.29 -4.96 12.58
C SER B 127 -4.64 -5.11 11.10
N LEU B 128 -3.78 -4.59 10.23
CA LEU B 128 -4.04 -4.64 8.80
C LEU B 128 -4.02 -6.09 8.33
N ILE B 129 -3.04 -6.85 8.84
CA ILE B 129 -2.88 -8.25 8.50
C ILE B 129 -4.11 -9.07 8.91
N ASN B 130 -4.61 -8.80 10.11
CA ASN B 130 -5.79 -9.50 10.61
C ASN B 130 -7.06 -9.24 9.80
N MET B 131 -7.26 -8.01 9.34
CA MET B 131 -8.45 -7.66 8.55
C MET B 131 -8.50 -8.40 7.21
N PHE B 132 -7.37 -8.41 6.51
CA PHE B 132 -7.27 -9.05 5.21
C PHE B 132 -7.34 -10.58 5.26
N ALA B 133 -6.80 -11.17 6.33
CA ALA B 133 -6.77 -12.62 6.46
C ALA B 133 -8.16 -13.25 6.55
N SER C 1 -23.69 14.04 -4.73
CA SER C 1 -22.56 14.69 -4.10
C SER C 1 -22.30 14.07 -2.72
N TYR C 2 -21.02 13.90 -2.39
CA TYR C 2 -20.64 13.22 -1.16
C TYR C 2 -20.65 14.18 0.02
N GLY C 3 -20.88 13.62 1.21
CA GLY C 3 -20.99 14.43 2.42
C GLY C 3 -21.89 13.79 3.45
#